data_9I5O
#
_entry.id   9I5O
#
_cell.length_a   154.484
_cell.length_b   154.484
_cell.length_c   127.527
_cell.angle_alpha   90.000
_cell.angle_beta   90.000
_cell.angle_gamma   90.000
#
_symmetry.space_group_name_H-M   'I 4 2 2'
#
loop_
_entity.id
_entity.type
_entity.pdbx_description
1 polymer Cholinesterase
2 branched alpha-L-fucopyranose-(1-6)-2-acetamido-2-deoxy-beta-D-glucopyranose
3 branched 2-acetamido-2-deoxy-beta-D-glucopyranose-(1-4)-[alpha-L-fucopyranose-(1-6)]2-acetamido-2-deoxy-beta-D-glucopyranose
4 non-polymer 2-acetamido-2-deoxy-beta-D-glucopyranose
5 non-polymer '2-(N-MORPHOLINO)-ETHANESULFONIC ACID'
6 non-polymer 1-(cyclohexylmethyl)-5-[(2,4-difluorophenyl)methyl]-N-[2-(dimethylamino)ethyl]-1H-indazole-6-carboxamide
7 non-polymer GLYCEROL
8 non-polymer 'SULFATE ION'
9 water water
#
_entity_poly.entity_id   1
_entity_poly.type   'polypeptide(L)'
_entity_poly.pdbx_seq_one_letter_code
;EDDIIIATKNGKVRGMQLTVFGGTVTAFLGIPYAQPPLGRLRFKKPQSLTKWSDIWNATKYANSCCQNIDQSFPGFHGSE
MWNPNTDLSEDCLYLNVWIPAPKPKNATVLIWIYGGGFQTGTSSLHVYDGKFLARVERVIVVSMNYRVGALGFLALPGNP
EAPGNMGLFDQQLALQWVQKNIAAFGGNPKSVTLFGESAGAASVSLHLLSPGSHSLFTRAILQSGSFNAPWAVTSLYEAR
NRTLNLAKLTGCSRENETEIIKCLRNKDPQEILLNEAFVVPYGTPLSVNFGPTVDGDFLTDMPDILLELGQFKKTQILVG
VNKDEGTAFLVYGAPGFSKDNNSIITRKEFQEGLKIFFPGVSEFGKESILFHYTDWVDDQRPENYREALGDVVGDYNFIC
PALEFTKKFSEWGNNAFFYYFEHRSSKLPWPEWMGVMHGYEIEFVFGLPLERRDQYTKAEEILSRSIVKRWANFAKYGNP
QETQNQSTSWPVFKSTEQKYLTLNTESTRIMTKLRAQQCRFWTSFFPKV
;
_entity_poly.pdbx_strand_id   A
#
loop_
_chem_comp.id
_chem_comp.type
_chem_comp.name
_chem_comp.formula
A1A2L non-polymer 1-(cyclohexylmethyl)-5-[(2,4-difluorophenyl)methyl]-N-[2-(dimethylamino)ethyl]-1H-indazole-6-carboxamide 'C26 H32 F2 N4 O'
FUC L-saccharide, alpha linking alpha-L-fucopyranose 'C6 H12 O5'
GOL non-polymer GLYCEROL 'C3 H8 O3'
MES non-polymer '2-(N-MORPHOLINO)-ETHANESULFONIC ACID' 'C6 H13 N O4 S'
NAG D-saccharide, beta linking 2-acetamido-2-deoxy-beta-D-glucopyranose 'C8 H15 N O6'
SO4 non-polymer 'SULFATE ION' 'O4 S -2'
#
# COMPACT_ATOMS: atom_id res chain seq x y z
N ASP A 3 20.27 -23.82 -15.69
CA ASP A 3 20.74 -23.39 -14.38
C ASP A 3 21.25 -21.95 -14.42
N ILE A 4 20.83 -21.12 -13.46
CA ILE A 4 21.16 -19.71 -13.46
C ILE A 4 21.56 -19.28 -12.05
N ILE A 5 22.72 -18.64 -11.93
CA ILE A 5 23.26 -18.23 -10.65
C ILE A 5 23.83 -16.82 -10.80
N ILE A 6 23.28 -15.90 -10.05
CA ILE A 6 23.77 -14.53 -10.01
C ILE A 6 24.65 -14.40 -8.79
N ALA A 7 25.70 -13.58 -8.91
CA ALA A 7 26.56 -13.25 -7.78
C ALA A 7 26.18 -11.86 -7.30
N THR A 8 25.65 -11.78 -6.08
CA THR A 8 25.40 -10.50 -5.44
C THR A 8 26.61 -10.10 -4.60
N LYS A 9 26.62 -8.84 -4.17
CA LYS A 9 27.68 -8.31 -3.31
C LYS A 9 27.80 -9.10 -2.01
N ASN A 10 26.77 -9.84 -1.61
CA ASN A 10 26.81 -10.57 -0.35
C ASN A 10 26.96 -12.07 -0.54
N GLY A 11 26.88 -12.56 -1.76
CA GLY A 11 27.05 -13.97 -2.01
C GLY A 11 26.42 -14.32 -3.33
N LYS A 12 26.45 -15.61 -3.64
CA LYS A 12 25.80 -16.11 -4.83
C LYS A 12 24.37 -16.54 -4.51
N VAL A 13 23.50 -16.44 -5.51
CA VAL A 13 22.12 -16.87 -5.33
C VAL A 13 21.69 -17.63 -6.57
N ARG A 14 21.01 -18.75 -6.36
CA ARG A 14 20.47 -19.58 -7.43
C ARG A 14 18.99 -19.26 -7.61
N GLY A 15 18.61 -18.97 -8.85
CA GLY A 15 17.22 -18.72 -9.19
C GLY A 15 16.49 -20.00 -9.52
N MET A 16 15.39 -19.86 -10.24
CA MET A 16 14.61 -20.98 -10.72
C MET A 16 13.86 -20.54 -11.98
N GLN A 17 13.36 -21.50 -12.73
CA GLN A 17 12.84 -21.23 -14.07
C GLN A 17 11.33 -21.37 -14.09
N LEU A 18 10.68 -20.42 -14.75
CA LEU A 18 9.23 -20.32 -14.72
C LEU A 18 8.72 -20.19 -16.15
N THR A 19 7.79 -21.06 -16.53
CA THR A 19 7.20 -20.96 -17.86
C THR A 19 6.00 -20.02 -17.78
N VAL A 20 6.03 -18.96 -18.58
CA VAL A 20 4.97 -17.97 -18.65
C VAL A 20 4.73 -17.69 -20.12
N PHE A 21 3.51 -17.92 -20.59
CA PHE A 21 3.10 -17.48 -21.92
C PHE A 21 4.07 -17.92 -23.00
N GLY A 22 4.37 -19.22 -23.04
CA GLY A 22 5.32 -19.72 -24.01
C GLY A 22 6.67 -19.04 -23.95
N GLY A 23 7.00 -18.43 -22.83
CA GLY A 23 8.30 -17.80 -22.65
C GLY A 23 8.91 -18.35 -21.39
N THR A 24 9.95 -17.69 -20.88
CA THR A 24 10.61 -18.13 -19.67
C THR A 24 10.99 -16.91 -18.83
N VAL A 25 10.60 -16.90 -17.56
CA VAL A 25 10.95 -15.86 -16.61
C VAL A 25 11.80 -16.50 -15.52
N THR A 26 12.83 -15.80 -15.07
CA THR A 26 13.63 -16.30 -13.95
C THR A 26 13.19 -15.61 -12.67
N ALA A 27 12.83 -16.41 -11.67
CA ALA A 27 12.40 -15.90 -10.37
C ALA A 27 13.47 -16.17 -9.34
N PHE A 28 13.80 -15.16 -8.55
CA PHE A 28 14.63 -15.31 -7.36
C PHE A 28 13.75 -14.95 -6.18
N LEU A 29 13.25 -15.95 -5.47
CA LEU A 29 12.33 -15.74 -4.36
C LEU A 29 13.07 -15.92 -3.04
N GLY A 30 12.91 -14.97 -2.12
CA GLY A 30 13.45 -15.13 -0.79
C GLY A 30 14.94 -14.92 -0.72
N ILE A 31 15.39 -13.73 -1.14
CA ILE A 31 16.77 -13.32 -0.97
C ILE A 31 16.81 -12.55 0.34
N PRO A 32 17.72 -12.86 1.24
CA PRO A 32 17.83 -12.07 2.46
C PRO A 32 18.35 -10.69 2.13
N TYR A 33 17.79 -9.68 2.76
CA TYR A 33 18.32 -8.35 2.50
C TYR A 33 18.76 -7.63 3.78
N ALA A 34 18.76 -8.31 4.93
CA ALA A 34 19.27 -7.74 6.17
C ALA A 34 19.49 -8.83 7.20
N GLN A 35 20.28 -8.50 8.22
CA GLN A 35 20.38 -9.35 9.40
C GLN A 35 19.00 -9.58 9.99
N PRO A 36 18.59 -10.81 10.24
CA PRO A 36 17.29 -11.07 10.85
C PRO A 36 17.12 -10.26 12.12
N PRO A 37 16.07 -9.45 12.22
CA PRO A 37 15.87 -8.62 13.41
C PRO A 37 15.44 -9.44 14.60
N LEU A 38 16.31 -10.31 15.07
CA LEU A 38 16.00 -11.26 16.12
C LEU A 38 16.72 -10.89 17.41
N GLY A 39 16.12 -11.28 18.52
CA GLY A 39 16.72 -11.16 19.83
C GLY A 39 16.90 -9.72 20.26
N ARG A 40 18.16 -9.28 20.38
CA ARG A 40 18.45 -7.90 20.72
C ARG A 40 18.18 -6.95 19.56
N LEU A 41 17.98 -7.47 18.33
CA LEU A 41 17.70 -6.66 17.16
C LEU A 41 16.22 -6.38 16.96
N ARG A 42 15.33 -7.09 17.67
CA ARG A 42 13.92 -6.73 17.66
C ARG A 42 13.76 -5.26 17.98
N PHE A 43 12.86 -4.59 17.24
CA PHE A 43 12.50 -3.18 17.40
C PHE A 43 13.57 -2.22 16.88
N LYS A 44 14.81 -2.66 16.73
CA LYS A 44 15.88 -1.79 16.24
C LYS A 44 15.81 -1.70 14.72
N LYS A 45 16.61 -0.78 14.19
CA LYS A 45 16.69 -0.61 12.75
C LYS A 45 17.33 -1.84 12.12
N PRO A 46 17.07 -2.10 10.84
CA PRO A 46 17.60 -3.31 10.18
C PRO A 46 19.12 -3.25 10.02
N GLN A 47 19.82 -4.22 10.60
CA GLN A 47 21.27 -4.19 10.57
C GLN A 47 21.78 -4.82 9.29
N SER A 48 22.89 -4.27 8.77
CA SER A 48 23.44 -4.72 7.48
C SER A 48 23.85 -6.19 7.57
N LEU A 49 23.95 -6.81 6.40
CA LEU A 49 24.02 -8.27 6.32
C LEU A 49 25.45 -8.73 6.02
N THR A 50 25.87 -9.76 6.76
CA THR A 50 27.17 -10.38 6.56
C THR A 50 27.11 -11.38 5.41
N LYS A 51 28.14 -11.37 4.56
CA LYS A 51 28.14 -12.16 3.34
C LYS A 51 27.93 -13.65 3.64
N TRP A 52 27.61 -14.40 2.59
CA TRP A 52 27.64 -15.86 2.68
C TRP A 52 28.47 -16.41 1.53
N SER A 53 29.13 -17.54 1.81
CA SER A 53 30.01 -18.20 0.86
C SER A 53 29.26 -19.17 -0.04
N ASP A 54 28.08 -19.61 0.37
CA ASP A 54 27.35 -20.67 -0.31
C ASP A 54 26.63 -20.10 -1.51
N ILE A 55 25.72 -20.91 -2.06
CA ILE A 55 24.77 -20.45 -3.06
C ILE A 55 23.40 -20.48 -2.42
N TRP A 56 22.92 -19.33 -1.96
CA TRP A 56 21.59 -19.21 -1.39
C TRP A 56 20.55 -19.63 -2.41
N ASN A 57 19.76 -20.65 -2.07
CA ASN A 57 18.80 -21.21 -3.02
C ASN A 57 17.49 -20.42 -2.90
N ALA A 58 17.50 -19.22 -3.48
CA ALA A 58 16.31 -18.38 -3.54
C ALA A 58 15.25 -18.96 -4.48
N THR A 59 14.76 -20.16 -4.16
CA THR A 59 13.80 -20.88 -4.98
C THR A 59 12.42 -21.02 -4.35
N LYS A 60 12.23 -20.48 -3.13
CA LYS A 60 10.95 -20.53 -2.43
C LYS A 60 10.74 -19.23 -1.67
N TYR A 61 9.51 -18.73 -1.71
CA TYR A 61 9.12 -17.57 -0.91
C TYR A 61 9.54 -17.74 0.56
N ALA A 62 10.13 -16.68 1.11
CA ALA A 62 10.59 -16.73 2.47
C ALA A 62 9.45 -16.61 3.46
N ASN A 63 9.79 -16.60 4.75
CA ASN A 63 8.80 -16.37 5.79
C ASN A 63 8.16 -15.01 5.66
N SER A 64 6.84 -14.94 5.85
CA SER A 64 6.21 -13.65 6.05
C SER A 64 6.49 -13.13 7.47
N CYS A 65 6.45 -11.81 7.63
CA CYS A 65 6.64 -11.19 8.93
C CYS A 65 5.46 -11.45 9.85
N CYS A 66 5.78 -11.56 11.14
CA CYS A 66 4.76 -11.75 12.18
C CYS A 66 3.66 -10.72 12.05
N GLN A 67 2.42 -11.17 12.33
CA GLN A 67 1.25 -10.33 12.11
C GLN A 67 -0.06 -11.03 12.48
N ASN A 68 -1.00 -10.26 13.02
CA ASN A 68 -2.35 -10.77 13.24
C ASN A 68 -3.04 -11.02 11.92
N ILE A 69 -3.96 -11.99 11.91
CA ILE A 69 -4.60 -12.43 10.68
C ILE A 69 -6.06 -12.02 10.71
N ASP A 70 -6.56 -11.55 9.57
CA ASP A 70 -7.98 -11.21 9.44
C ASP A 70 -8.83 -12.47 9.54
N GLN A 71 -9.55 -12.64 10.65
CA GLN A 71 -10.36 -13.83 10.91
C GLN A 71 -11.85 -13.60 10.67
N SER A 72 -12.20 -12.61 9.85
CA SER A 72 -13.60 -12.22 9.74
C SER A 72 -14.41 -13.09 8.81
N PHE A 73 -13.77 -13.89 7.95
CA PHE A 73 -14.49 -14.68 6.96
C PHE A 73 -13.75 -15.98 6.69
N PRO A 74 -13.68 -16.87 7.68
CA PRO A 74 -12.96 -18.13 7.46
C PRO A 74 -13.57 -18.88 6.30
N GLY A 75 -12.69 -19.38 5.43
CA GLY A 75 -13.07 -20.19 4.29
C GLY A 75 -13.37 -19.41 3.04
N PHE A 76 -13.45 -18.09 3.14
CA PHE A 76 -13.97 -17.25 2.07
C PHE A 76 -12.79 -16.58 1.37
N HIS A 77 -12.61 -16.89 0.07
CA HIS A 77 -11.40 -16.45 -0.64
C HIS A 77 -11.35 -14.95 -0.84
N GLY A 78 -12.52 -14.29 -0.82
CA GLY A 78 -12.53 -12.83 -0.93
C GLY A 78 -11.74 -12.14 0.17
N SER A 79 -11.82 -12.65 1.40
CA SER A 79 -10.95 -12.07 2.42
C SER A 79 -9.69 -12.88 2.63
N GLU A 80 -9.70 -14.16 2.32
CA GLU A 80 -8.56 -14.96 2.70
C GLU A 80 -7.39 -14.84 1.72
N MET A 81 -7.66 -14.48 0.45
CA MET A 81 -6.62 -14.18 -0.53
C MET A 81 -5.63 -13.11 -0.08
N TRP A 82 -5.95 -12.35 0.99
CA TRP A 82 -5.09 -11.29 1.51
C TRP A 82 -4.23 -11.73 2.69
N ASN A 83 -4.48 -12.99 3.30
CA ASN A 83 -3.73 -13.37 4.49
C ASN A 83 -2.41 -14.04 4.10
N PRO A 84 -1.41 -13.96 4.98
CA PRO A 84 -0.07 -14.45 4.62
C PRO A 84 -0.11 -15.91 4.21
N ASN A 85 0.70 -16.25 3.22
CA ASN A 85 0.70 -17.60 2.66
C ASN A 85 2.07 -18.23 2.69
N THR A 86 2.92 -17.76 3.60
CA THR A 86 4.07 -18.50 4.08
C THR A 86 4.06 -18.33 5.59
N ASP A 87 4.85 -19.16 6.28
CA ASP A 87 5.00 -19.05 7.73
C ASP A 87 5.26 -17.61 8.16
N LEU A 88 4.64 -17.23 9.27
CA LEU A 88 5.08 -16.04 9.98
C LEU A 88 6.34 -16.35 10.78
N SER A 89 7.13 -15.32 11.00
CA SER A 89 8.44 -15.45 11.63
C SER A 89 9.03 -14.06 11.77
N GLU A 90 9.60 -13.74 12.94
CA GLU A 90 10.34 -12.50 13.03
C GLU A 90 11.46 -12.44 12.00
N ASP A 91 12.00 -13.60 11.64
CA ASP A 91 12.99 -13.66 10.58
C ASP A 91 12.24 -13.56 9.25
N CYS A 92 12.13 -12.35 8.73
CA CYS A 92 11.30 -12.18 7.55
C CYS A 92 11.85 -11.13 6.58
N LEU A 93 13.02 -10.57 6.84
CA LEU A 93 13.57 -9.54 5.96
C LEU A 93 14.18 -10.22 4.74
N TYR A 94 13.33 -10.37 3.72
CA TYR A 94 13.69 -11.01 2.47
C TYR A 94 13.02 -10.26 1.35
N LEU A 95 13.54 -10.45 0.13
CA LEU A 95 12.95 -9.86 -1.06
C LEU A 95 13.02 -10.85 -2.22
N ASN A 96 12.33 -10.49 -3.31
CA ASN A 96 12.16 -11.33 -4.50
C ASN A 96 12.50 -10.54 -5.77
N VAL A 97 12.94 -11.26 -6.79
CA VAL A 97 13.36 -10.67 -8.05
C VAL A 97 12.85 -11.54 -9.20
N TRP A 98 12.14 -10.93 -10.15
CA TRP A 98 11.71 -11.62 -11.37
C TRP A 98 12.41 -10.94 -12.55
N ILE A 99 13.44 -11.57 -13.11
CA ILE A 99 14.07 -10.94 -14.27
C ILE A 99 13.51 -11.64 -15.50
N PRO A 100 13.37 -10.95 -16.63
CA PRO A 100 12.94 -11.64 -17.84
C PRO A 100 14.08 -12.50 -18.35
N ALA A 101 13.73 -13.63 -18.92
CA ALA A 101 14.73 -14.39 -19.65
C ALA A 101 14.36 -14.39 -21.13
N PRO A 102 15.32 -14.24 -22.02
CA PRO A 102 16.76 -14.12 -21.79
C PRO A 102 17.13 -12.89 -20.98
N LYS A 103 18.05 -13.04 -20.02
CA LYS A 103 18.59 -12.01 -19.14
C LYS A 103 18.58 -10.65 -19.82
N PRO A 104 17.94 -9.64 -19.24
CA PRO A 104 17.94 -8.32 -19.87
C PRO A 104 19.31 -7.71 -19.71
N LYS A 105 19.51 -6.59 -20.40
CA LYS A 105 20.77 -5.87 -20.33
C LYS A 105 20.68 -4.70 -19.37
N ASN A 106 19.73 -3.80 -19.57
CA ASN A 106 19.67 -2.56 -18.80
C ASN A 106 18.21 -2.18 -18.52
N ALA A 107 17.50 -3.05 -17.79
CA ALA A 107 16.05 -3.04 -17.69
C ALA A 107 15.55 -2.13 -16.57
N THR A 108 14.39 -1.50 -16.79
CA THR A 108 13.72 -0.77 -15.71
C THR A 108 13.28 -1.74 -14.62
N VAL A 109 13.44 -1.31 -13.37
CA VAL A 109 13.10 -2.11 -12.21
C VAL A 109 11.82 -1.57 -11.57
N LEU A 110 10.84 -2.45 -11.37
N LEU A 110 10.86 -2.46 -11.33
CA LEU A 110 9.65 -2.13 -10.59
CA LEU A 110 9.65 -2.11 -10.60
C LEU A 110 9.77 -2.74 -9.21
C LEU A 110 9.73 -2.74 -9.21
N ILE A 111 9.60 -1.91 -8.19
CA ILE A 111 9.71 -2.34 -6.80
C ILE A 111 8.36 -2.16 -6.14
N TRP A 112 7.78 -3.28 -5.71
CA TRP A 112 6.45 -3.35 -5.13
C TRP A 112 6.52 -3.35 -3.60
N ILE A 113 5.82 -2.40 -2.98
CA ILE A 113 5.64 -2.34 -1.52
C ILE A 113 4.18 -2.65 -1.23
N TYR A 114 3.91 -3.76 -0.52
CA TYR A 114 2.51 -4.15 -0.25
C TYR A 114 1.83 -3.22 0.79
N GLY A 115 0.52 -3.37 0.89
CA GLY A 115 -0.26 -2.68 1.85
C GLY A 115 -0.77 -3.61 2.93
N GLY A 116 -1.76 -3.13 3.67
CA GLY A 116 -2.22 -3.90 4.79
C GLY A 116 -2.15 -3.10 6.08
N GLY A 117 -2.55 -1.82 6.03
CA GLY A 117 -2.69 -1.02 7.25
C GLY A 117 -1.45 -0.88 8.10
N PHE A 118 -0.26 -1.23 7.55
CA PHE A 118 1.01 -1.30 8.27
C PHE A 118 1.02 -2.34 9.38
N GLN A 119 -0.02 -3.17 9.49
CA GLN A 119 -0.08 -4.23 10.49
C GLN A 119 0.04 -5.62 9.88
N THR A 120 -0.14 -5.74 8.57
CA THR A 120 -0.28 -7.02 7.89
C THR A 120 0.32 -6.91 6.49
N GLY A 121 0.47 -8.04 5.83
CA GLY A 121 0.90 -8.06 4.44
C GLY A 121 2.10 -8.96 4.21
N THR A 122 2.26 -9.38 2.96
CA THR A 122 3.43 -10.16 2.62
C THR A 122 3.59 -10.08 1.11
N SER A 123 4.85 -10.09 0.67
CA SER A 123 5.12 -9.91 -0.75
C SER A 123 4.77 -11.15 -1.55
N SER A 124 4.57 -12.28 -0.88
CA SER A 124 4.37 -13.56 -1.54
C SER A 124 2.91 -13.82 -1.91
N LEU A 125 2.03 -12.82 -1.81
CA LEU A 125 0.64 -13.03 -2.23
C LEU A 125 0.57 -13.36 -3.71
N HIS A 126 -0.41 -14.19 -4.08
CA HIS A 126 -0.60 -14.55 -5.49
C HIS A 126 -0.86 -13.30 -6.32
N VAL A 127 -1.57 -12.31 -5.76
CA VAL A 127 -1.87 -11.11 -6.54
C VAL A 127 -0.67 -10.18 -6.69
N TYR A 128 0.48 -10.48 -6.07
CA TYR A 128 1.70 -9.70 -6.23
C TYR A 128 2.76 -10.43 -7.05
N ASP A 129 2.36 -11.45 -7.80
CA ASP A 129 3.31 -12.25 -8.59
C ASP A 129 3.87 -11.44 -9.74
N GLY A 130 5.18 -11.20 -9.73
CA GLY A 130 5.77 -10.33 -10.73
C GLY A 130 6.16 -11.00 -12.03
N LYS A 131 5.99 -12.32 -12.10
CA LYS A 131 6.41 -13.06 -13.27
C LYS A 131 5.72 -12.59 -14.55
N PHE A 132 4.46 -12.11 -14.45
CA PHE A 132 3.79 -11.63 -15.67
C PHE A 132 4.46 -10.39 -16.20
N LEU A 133 4.66 -9.39 -15.33
CA LEU A 133 5.24 -8.12 -15.77
C LEU A 133 6.62 -8.32 -16.37
N ALA A 134 7.41 -9.20 -15.77
CA ALA A 134 8.71 -9.51 -16.35
C ALA A 134 8.52 -10.06 -17.77
N ARG A 135 7.61 -11.00 -17.93
CA ARG A 135 7.42 -11.68 -19.20
C ARG A 135 6.90 -10.73 -20.27
N VAL A 136 5.82 -10.02 -19.97
CA VAL A 136 5.12 -9.24 -20.98
C VAL A 136 5.91 -7.97 -21.34
N GLU A 137 6.47 -7.29 -20.35
CA GLU A 137 7.07 -5.98 -20.57
C GLU A 137 8.56 -5.95 -20.34
N ARG A 138 9.17 -7.09 -19.99
CA ARG A 138 10.60 -7.18 -19.82
C ARG A 138 11.14 -6.14 -18.83
N VAL A 139 10.32 -5.78 -17.83
CA VAL A 139 10.82 -5.06 -16.66
C VAL A 139 11.19 -6.09 -15.59
N ILE A 140 12.09 -5.71 -14.70
CA ILE A 140 12.41 -6.51 -13.53
C ILE A 140 11.49 -6.10 -12.38
N VAL A 141 10.80 -7.07 -11.78
CA VAL A 141 9.93 -6.79 -10.64
C VAL A 141 10.62 -7.26 -9.36
N VAL A 142 10.70 -6.36 -8.38
CA VAL A 142 11.23 -6.68 -7.07
C VAL A 142 10.18 -6.34 -6.02
N SER A 143 10.02 -7.21 -5.03
CA SER A 143 9.17 -6.96 -3.88
C SER A 143 9.92 -7.40 -2.63
N MET A 144 9.54 -6.84 -1.47
CA MET A 144 10.20 -7.20 -0.23
C MET A 144 9.17 -7.29 0.90
N ASN A 145 9.50 -8.07 1.92
CA ASN A 145 8.74 -8.09 3.16
C ASN A 145 9.43 -7.14 4.13
N TYR A 146 8.62 -6.35 4.82
CA TYR A 146 9.10 -5.44 5.83
C TYR A 146 8.26 -5.67 7.07
N ARG A 147 8.78 -5.22 8.20
CA ARG A 147 8.11 -5.45 9.47
C ARG A 147 6.84 -4.60 9.58
N VAL A 148 5.85 -5.15 10.28
CA VAL A 148 4.52 -4.56 10.40
C VAL A 148 4.11 -4.64 11.87
N GLY A 149 3.06 -3.88 12.22
CA GLY A 149 2.64 -3.75 13.61
C GLY A 149 3.73 -3.29 14.55
N ALA A 150 3.56 -3.54 15.87
CA ALA A 150 4.49 -3.01 16.85
C ALA A 150 5.93 -3.40 16.51
N LEU A 151 6.14 -4.64 16.07
CA LEU A 151 7.48 -5.11 15.70
C LEU A 151 8.11 -4.29 14.58
N GLY A 152 7.32 -3.49 13.85
CA GLY A 152 7.90 -2.66 12.81
C GLY A 152 7.58 -1.18 12.93
N PHE A 153 6.79 -0.79 13.93
CA PHE A 153 6.44 0.62 14.02
C PHE A 153 6.26 1.07 15.46
N LEU A 154 6.67 0.27 16.45
CA LEU A 154 6.75 0.76 17.81
C LEU A 154 7.70 1.95 17.85
N ALA A 155 7.37 2.97 18.64
CA ALA A 155 8.23 4.15 18.71
C ALA A 155 8.30 4.71 20.13
N LEU A 156 9.51 4.67 20.70
CA LEU A 156 9.85 5.55 21.82
C LEU A 156 10.83 6.60 21.28
N PRO A 157 10.38 7.83 21.05
CA PRO A 157 11.17 8.81 20.31
C PRO A 157 12.58 9.02 20.84
N GLY A 158 13.53 9.17 19.91
CA GLY A 158 14.94 9.30 20.20
C GLY A 158 15.65 8.01 20.55
N ASN A 159 14.94 7.00 21.03
CA ASN A 159 15.51 5.80 21.62
C ASN A 159 15.80 4.73 20.56
N PRO A 160 17.07 4.54 20.18
CA PRO A 160 17.39 3.54 19.14
C PRO A 160 16.94 2.14 19.47
N GLU A 161 16.59 1.87 20.73
CA GLU A 161 16.07 0.54 21.08
C GLU A 161 14.73 0.30 20.41
N ALA A 162 14.01 1.36 20.10
CA ALA A 162 12.72 1.33 19.43
C ALA A 162 12.41 2.73 18.92
N PRO A 163 13.04 3.13 17.81
CA PRO A 163 12.92 4.51 17.34
C PRO A 163 11.66 4.80 16.54
N GLY A 164 11.06 3.78 15.94
CA GLY A 164 9.94 3.99 15.07
C GLY A 164 10.34 3.80 13.62
N ASN A 165 9.34 3.59 12.76
CA ASN A 165 9.54 3.53 11.32
C ASN A 165 10.47 2.39 10.88
N MET A 166 10.69 1.39 11.74
CA MET A 166 11.58 0.29 11.38
C MET A 166 11.11 -0.40 10.10
N GLY A 167 9.81 -0.62 9.97
CA GLY A 167 9.28 -1.18 8.74
C GLY A 167 9.64 -0.33 7.53
N LEU A 168 9.53 0.99 7.67
CA LEU A 168 9.95 1.86 6.57
C LEU A 168 11.43 1.73 6.30
N PHE A 169 12.25 1.69 7.35
CA PHE A 169 13.67 1.45 7.16
C PHE A 169 13.95 0.06 6.57
N ASP A 170 13.13 -0.94 6.91
CA ASP A 170 13.24 -2.24 6.23
C ASP A 170 13.15 -2.06 4.72
N GLN A 171 12.06 -1.43 4.26
CA GLN A 171 11.90 -1.08 2.85
C GLN A 171 13.12 -0.35 2.29
N GLN A 172 13.62 0.65 3.01
CA GLN A 172 14.68 1.47 2.44
C GLN A 172 15.97 0.67 2.31
N LEU A 173 16.18 -0.29 3.20
CA LEU A 173 17.32 -1.17 3.05
C LEU A 173 17.13 -2.08 1.85
N ALA A 174 15.90 -2.46 1.55
CA ALA A 174 15.63 -3.22 0.34
C ALA A 174 15.87 -2.37 -0.91
N LEU A 175 15.40 -1.11 -0.90
CA LEU A 175 15.66 -0.23 -2.05
C LEU A 175 17.16 -0.10 -2.30
N GLN A 176 17.93 -0.06 -1.23
CA GLN A 176 19.36 0.06 -1.40
C GLN A 176 19.98 -1.25 -1.89
N TRP A 177 19.47 -2.40 -1.43
CA TRP A 177 19.91 -3.69 -1.98
C TRP A 177 19.77 -3.68 -3.49
N VAL A 178 18.67 -3.11 -3.98
CA VAL A 178 18.43 -3.08 -5.41
C VAL A 178 19.43 -2.16 -6.10
N GLN A 179 19.73 -1.00 -5.50
CA GLN A 179 20.75 -0.14 -6.08
C GLN A 179 22.10 -0.85 -6.18
N LYS A 180 22.49 -1.61 -5.15
CA LYS A 180 23.81 -2.20 -5.17
C LYS A 180 23.89 -3.48 -6.00
N ASN A 181 22.75 -4.16 -6.25
CA ASN A 181 22.76 -5.52 -6.75
C ASN A 181 22.00 -5.75 -8.06
N ILE A 182 21.02 -4.91 -8.41
CA ILE A 182 20.17 -5.24 -9.55
C ILE A 182 20.95 -5.21 -10.88
N ALA A 183 22.08 -4.50 -10.95
CA ALA A 183 22.88 -4.52 -12.17
C ALA A 183 23.32 -5.94 -12.49
N ALA A 184 23.66 -6.73 -11.46
CA ALA A 184 24.03 -8.12 -11.70
C ALA A 184 22.89 -8.94 -12.27
N PHE A 185 21.65 -8.49 -12.09
CA PHE A 185 20.49 -9.19 -12.60
C PHE A 185 20.06 -8.67 -13.96
N GLY A 186 20.76 -7.68 -14.50
CA GLY A 186 20.41 -7.11 -15.78
C GLY A 186 19.48 -5.93 -15.65
N GLY A 187 19.51 -5.22 -14.53
CA GLY A 187 18.57 -4.16 -14.27
C GLY A 187 19.31 -2.85 -14.11
N ASN A 188 18.65 -1.76 -14.50
CA ASN A 188 19.27 -0.46 -14.44
C ASN A 188 18.91 0.23 -13.12
N PRO A 189 19.83 0.32 -12.16
CA PRO A 189 19.51 1.01 -10.90
C PRO A 189 19.18 2.46 -11.09
N LYS A 190 19.45 3.03 -12.25
CA LYS A 190 19.05 4.40 -12.49
C LYS A 190 17.63 4.53 -13.01
N SER A 191 16.89 3.40 -13.15
CA SER A 191 15.51 3.46 -13.65
C SER A 191 14.66 2.52 -12.80
N VAL A 192 14.28 3.01 -11.63
CA VAL A 192 13.58 2.25 -10.60
C VAL A 192 12.29 2.96 -10.28
N THR A 193 11.18 2.25 -10.37
CA THR A 193 9.89 2.83 -10.06
C THR A 193 9.32 2.12 -8.85
N LEU A 194 9.14 2.85 -7.76
CA LEU A 194 8.42 2.31 -6.61
C LEU A 194 6.94 2.27 -6.93
N PHE A 195 6.28 1.14 -6.66
CA PHE A 195 4.83 1.16 -6.70
C PHE A 195 4.31 0.33 -5.54
N GLY A 196 3.10 0.69 -5.10
CA GLY A 196 2.49 0.15 -3.89
C GLY A 196 1.02 0.49 -3.83
N GLU A 197 0.32 -0.16 -2.89
CA GLU A 197 -1.13 -0.03 -2.73
C GLU A 197 -1.50 0.12 -1.26
N SER A 198 -2.43 1.06 -1.00
CA SER A 198 -2.92 1.37 0.35
C SER A 198 -1.77 1.80 1.25
N ALA A 199 -1.45 1.07 2.33
CA ALA A 199 -0.30 1.45 3.13
C ALA A 199 0.97 1.37 2.31
N GLY A 200 1.02 0.44 1.35
CA GLY A 200 2.10 0.46 0.39
C GLY A 200 2.18 1.80 -0.32
N ALA A 201 1.06 2.26 -0.86
CA ALA A 201 1.02 3.54 -1.56
C ALA A 201 1.47 4.67 -0.63
N ALA A 202 0.92 4.72 0.60
CA ALA A 202 1.39 5.69 1.59
C ALA A 202 2.88 5.51 1.89
N SER A 203 3.37 4.27 1.98
CA SER A 203 4.82 4.09 2.12
C SER A 203 5.57 4.75 0.96
N VAL A 204 5.05 4.63 -0.27
CA VAL A 204 5.73 5.20 -1.42
C VAL A 204 5.84 6.71 -1.25
N SER A 205 4.75 7.35 -0.84
CA SER A 205 4.80 8.79 -0.63
C SER A 205 5.82 9.16 0.44
N LEU A 206 5.94 8.36 1.51
CA LEU A 206 6.95 8.69 2.53
C LEU A 206 8.38 8.53 2.02
N HIS A 207 8.61 7.71 1.00
CA HIS A 207 9.94 7.66 0.38
C HIS A 207 10.22 8.87 -0.49
N LEU A 208 9.18 9.48 -1.06
CA LEU A 208 9.35 10.76 -1.72
C LEU A 208 9.79 11.84 -0.73
N LEU A 209 9.28 11.80 0.50
CA LEU A 209 9.63 12.83 1.47
C LEU A 209 10.94 12.54 2.19
N SER A 210 11.27 11.27 2.41
CA SER A 210 12.44 10.94 3.20
C SER A 210 13.70 11.21 2.40
N PRO A 211 14.63 12.01 2.92
CA PRO A 211 15.86 12.27 2.17
C PRO A 211 16.71 11.02 1.94
N GLY A 212 16.76 10.09 2.89
CA GLY A 212 17.56 8.90 2.68
C GLY A 212 17.04 8.00 1.57
N SER A 213 15.81 8.22 1.14
CA SER A 213 15.33 7.48 -0.02
C SER A 213 15.58 8.20 -1.34
N HIS A 214 15.94 9.50 -1.31
N HIS A 214 15.96 9.47 -1.32
CA HIS A 214 15.93 10.33 -2.51
CA HIS A 214 15.86 10.28 -2.53
C HIS A 214 16.64 9.65 -3.67
C HIS A 214 16.65 9.68 -3.69
N SER A 215 17.79 9.04 -3.40
CA SER A 215 18.64 8.48 -4.44
C SER A 215 18.43 6.98 -4.64
N LEU A 216 17.38 6.40 -4.05
CA LEU A 216 17.11 4.98 -4.18
C LEU A 216 16.08 4.65 -5.25
N PHE A 217 15.41 5.65 -5.83
CA PHE A 217 14.42 5.37 -6.86
C PHE A 217 14.31 6.55 -7.81
N THR A 218 13.73 6.27 -8.99
CA THR A 218 13.51 7.26 -10.03
C THR A 218 12.12 7.90 -9.95
N ARG A 219 11.07 7.09 -10.10
CA ARG A 219 9.69 7.54 -10.13
C ARG A 219 8.86 6.79 -9.10
N ALA A 220 7.55 7.12 -9.05
CA ALA A 220 6.67 6.61 -8.02
C ALA A 220 5.23 6.47 -8.52
N ILE A 221 4.55 5.42 -8.05
CA ILE A 221 3.17 5.05 -8.38
C ILE A 221 2.42 4.81 -7.06
N LEU A 222 1.31 5.52 -6.85
CA LEU A 222 0.57 5.46 -5.58
C LEU A 222 -0.86 4.93 -5.78
N GLN A 223 -1.10 3.63 -5.57
CA GLN A 223 -2.44 3.06 -5.80
C GLN A 223 -3.27 3.05 -4.52
N SER A 224 -4.36 3.84 -4.52
CA SER A 224 -5.30 3.93 -3.40
C SER A 224 -4.60 4.20 -2.08
N GLY A 225 -3.77 5.23 -2.02
CA GLY A 225 -3.15 5.55 -0.75
C GLY A 225 -2.09 6.61 -0.88
N SER A 226 -1.91 7.40 0.18
CA SER A 226 -0.88 8.42 0.23
C SER A 226 -0.62 8.72 1.70
N PHE A 227 0.42 9.52 1.97
CA PHE A 227 0.77 9.68 3.38
C PHE A 227 -0.22 10.58 4.10
N ASN A 228 -0.84 11.53 3.39
CA ASN A 228 -1.74 12.42 4.07
C ASN A 228 -3.09 11.80 4.36
N ALA A 229 -3.23 10.50 4.11
CA ALA A 229 -4.46 9.84 4.48
C ALA A 229 -4.60 9.82 6.01
N PRO A 230 -5.84 9.93 6.51
CA PRO A 230 -6.01 10.11 7.98
C PRO A 230 -5.49 8.96 8.83
N TRP A 231 -5.25 7.78 8.24
CA TRP A 231 -4.77 6.61 8.97
C TRP A 231 -3.26 6.42 8.87
N ALA A 232 -2.56 7.32 8.20
CA ALA A 232 -1.24 7.00 7.69
C ALA A 232 -0.11 7.31 8.66
N VAL A 233 -0.13 8.48 9.29
CA VAL A 233 0.93 8.90 10.19
C VAL A 233 0.37 9.01 11.60
N THR A 234 1.06 8.41 12.56
CA THR A 234 0.71 8.52 13.96
C THR A 234 1.47 9.68 14.61
N SER A 235 0.80 10.37 15.54
CA SER A 235 1.45 11.46 16.24
C SER A 235 2.44 10.92 17.28
N LEU A 236 3.43 11.74 17.61
CA LEU A 236 4.42 11.30 18.59
C LEU A 236 3.79 11.08 19.94
N TYR A 237 2.78 11.87 20.29
CA TYR A 237 2.01 11.62 21.50
C TYR A 237 1.45 10.21 21.43
N GLU A 238 0.50 9.97 20.51
CA GLU A 238 -0.17 8.67 20.43
C GLU A 238 0.81 7.51 20.38
N ALA A 239 1.89 7.67 19.60
CA ALA A 239 2.89 6.59 19.48
C ALA A 239 3.48 6.22 20.84
N ARG A 240 3.64 7.20 21.72
CA ARG A 240 4.12 6.86 23.06
C ARG A 240 3.01 6.26 23.91
N ASN A 241 1.83 6.86 23.90
CA ASN A 241 0.72 6.24 24.61
C ASN A 241 0.56 4.80 24.16
N ARG A 242 0.53 4.58 22.84
CA ARG A 242 0.35 3.24 22.31
C ARG A 242 1.50 2.32 22.71
N THR A 243 2.71 2.86 22.75
CA THR A 243 3.85 2.05 23.19
C THR A 243 3.72 1.71 24.65
N LEU A 244 3.42 2.69 25.50
CA LEU A 244 3.36 2.44 26.94
C LEU A 244 2.14 1.61 27.31
N ASN A 245 0.98 1.91 26.71
CA ASN A 245 -0.20 1.08 26.93
C ASN A 245 0.10 -0.37 26.60
N LEU A 246 0.84 -0.62 25.50
CA LEU A 246 1.30 -1.97 25.22
C LEU A 246 2.23 -2.50 26.31
N ALA A 247 3.01 -1.62 26.94
CA ALA A 247 3.90 -2.07 28.00
C ALA A 247 3.12 -2.48 29.24
N LYS A 248 2.00 -1.83 29.51
CA LYS A 248 1.18 -2.27 30.63
C LYS A 248 0.58 -3.64 30.36
N LEU A 249 -0.17 -3.76 29.26
CA LEU A 249 -0.85 -5.01 28.89
C LEU A 249 0.07 -6.22 28.88
N THR A 250 1.38 -6.02 28.76
CA THR A 250 2.35 -7.11 28.78
C THR A 250 3.18 -7.15 30.05
N GLY A 251 2.81 -6.36 31.06
CA GLY A 251 3.53 -6.40 32.32
C GLY A 251 4.86 -5.71 32.19
N CYS A 252 5.21 -5.34 30.97
CA CYS A 252 6.49 -4.76 30.67
C CYS A 252 6.57 -3.30 30.99
N SER A 253 5.64 -2.75 31.76
CA SER A 253 5.73 -1.35 32.13
C SER A 253 6.83 -1.17 33.18
N ARG A 254 7.90 -0.47 32.80
CA ARG A 254 8.93 -0.09 33.74
C ARG A 254 8.92 1.43 33.87
N GLU A 255 10.05 2.01 34.18
CA GLU A 255 10.18 3.46 34.22
C GLU A 255 11.41 3.93 33.45
N ASN A 256 12.49 3.15 33.47
CA ASN A 256 13.57 3.35 32.51
C ASN A 256 13.05 2.88 31.15
N GLU A 257 12.96 3.81 30.19
CA GLU A 257 12.43 3.49 28.87
C GLU A 257 13.13 2.29 28.26
N THR A 258 14.46 2.31 28.27
CA THR A 258 15.22 1.21 27.68
C THR A 258 14.93 -0.11 28.40
N GLU A 259 14.73 -0.07 29.72
CA GLU A 259 14.36 -1.27 30.46
C GLU A 259 13.01 -1.81 29.98
N ILE A 260 12.09 -0.91 29.63
CA ILE A 260 10.82 -1.32 29.04
C ILE A 260 11.06 -2.09 27.74
N ILE A 261 11.85 -1.49 26.84
CA ILE A 261 12.15 -2.17 25.59
C ILE A 261 12.82 -3.49 25.87
N LYS A 262 13.85 -3.47 26.73
CA LYS A 262 14.47 -4.71 27.18
C LYS A 262 13.42 -5.73 27.55
N CYS A 263 12.36 -5.29 28.25
CA CYS A 263 11.34 -6.23 28.68
C CYS A 263 10.55 -6.80 27.51
N LEU A 264 10.21 -5.96 26.53
CA LEU A 264 9.39 -6.45 25.42
C LEU A 264 10.17 -7.37 24.50
N ARG A 265 11.49 -7.23 24.45
CA ARG A 265 12.29 -8.13 23.63
C ARG A 265 12.27 -9.56 24.12
N ASN A 266 11.93 -9.79 25.39
CA ASN A 266 11.86 -11.13 25.94
C ASN A 266 10.45 -11.67 25.96
N LYS A 267 9.48 -10.90 25.51
CA LYS A 267 8.15 -11.44 25.30
C LYS A 267 8.07 -12.18 23.95
N ASP A 268 7.10 -13.05 23.86
CA ASP A 268 6.87 -13.88 22.69
C ASP A 268 6.17 -13.07 21.61
N PRO A 269 6.55 -13.25 20.34
CA PRO A 269 5.85 -12.52 19.26
C PRO A 269 4.33 -12.59 19.38
N GLN A 270 3.78 -13.72 19.86
CA GLN A 270 2.33 -13.86 19.97
C GLN A 270 1.78 -12.99 21.09
N GLU A 271 2.57 -12.76 22.15
CA GLU A 271 2.10 -11.88 23.20
C GLU A 271 2.04 -10.43 22.71
N ILE A 272 3.03 -10.01 21.93
CA ILE A 272 3.00 -8.66 21.39
C ILE A 272 1.89 -8.53 20.35
N LEU A 273 1.74 -9.54 19.49
CA LEU A 273 0.69 -9.53 18.49
C LEU A 273 -0.68 -9.41 19.13
N LEU A 274 -0.91 -10.13 20.23
CA LEU A 274 -2.23 -10.21 20.83
C LEU A 274 -2.60 -8.97 21.62
N ASN A 275 -1.66 -8.13 22.02
CA ASN A 275 -1.99 -6.92 22.78
C ASN A 275 -2.08 -5.66 21.93
N GLU A 276 -1.60 -5.71 20.68
CA GLU A 276 -1.60 -4.52 19.83
C GLU A 276 -2.99 -3.92 19.68
N ALA A 277 -4.04 -4.73 19.74
CA ALA A 277 -5.37 -4.27 19.37
C ALA A 277 -5.88 -3.23 20.34
N PHE A 278 -5.47 -3.31 21.59
CA PHE A 278 -6.06 -2.55 22.66
C PHE A 278 -5.27 -1.30 23.01
N VAL A 279 -4.16 -1.04 22.31
CA VAL A 279 -3.37 0.13 22.68
C VAL A 279 -4.10 1.43 22.34
N VAL A 280 -5.15 1.38 21.53
CA VAL A 280 -5.97 2.56 21.24
C VAL A 280 -7.21 2.48 22.12
N PRO A 281 -7.73 3.60 22.64
CA PRO A 281 -8.90 3.52 23.52
C PRO A 281 -10.17 3.21 22.75
N TYR A 282 -10.32 3.79 21.56
CA TYR A 282 -11.36 3.45 20.61
C TYR A 282 -10.69 3.02 19.32
N GLY A 283 -11.43 2.27 18.52
CA GLY A 283 -10.88 1.70 17.31
C GLY A 283 -11.88 1.75 16.18
N THR A 284 -11.36 1.80 14.98
CA THR A 284 -12.16 1.74 13.77
C THR A 284 -11.54 0.66 12.90
N PRO A 285 -12.27 0.19 11.89
CA PRO A 285 -11.65 -0.74 10.92
C PRO A 285 -10.48 -0.12 10.16
N LEU A 286 -10.24 1.18 10.29
CA LEU A 286 -9.14 1.86 9.64
C LEU A 286 -8.06 2.27 10.62
N SER A 287 -7.88 1.47 11.68
CA SER A 287 -7.04 1.84 12.81
C SER A 287 -5.65 1.26 12.60
N VAL A 288 -4.70 2.12 12.28
CA VAL A 288 -3.29 1.75 12.21
C VAL A 288 -2.74 1.94 13.62
N ASN A 289 -2.72 0.85 14.39
CA ASN A 289 -2.28 0.95 15.78
C ASN A 289 -0.82 1.35 15.87
N PHE A 290 0.03 0.70 15.08
CA PHE A 290 1.45 1.01 15.03
C PHE A 290 1.80 1.31 13.59
N GLY A 291 1.97 2.60 13.27
CA GLY A 291 2.36 2.99 11.95
C GLY A 291 3.51 3.98 11.94
N PRO A 292 3.70 4.63 10.79
CA PRO A 292 4.75 5.65 10.67
C PRO A 292 4.56 6.80 11.66
N THR A 293 5.67 7.36 12.14
CA THR A 293 5.64 8.58 12.95
C THR A 293 6.72 9.53 12.47
N VAL A 294 6.65 10.77 12.97
CA VAL A 294 7.69 11.75 12.69
C VAL A 294 8.85 11.45 13.64
N ASP A 295 9.86 10.74 13.16
CA ASP A 295 10.93 10.27 14.01
C ASP A 295 12.17 11.15 13.96
N GLY A 296 12.21 12.14 13.08
CA GLY A 296 13.44 12.91 12.93
C GLY A 296 14.59 12.14 12.33
N ASP A 297 14.31 11.02 11.67
CA ASP A 297 15.35 10.25 11.00
C ASP A 297 14.86 9.86 9.61
N PHE A 298 13.86 8.99 9.51
CA PHE A 298 13.20 8.79 8.22
C PHE A 298 12.42 10.05 7.83
N LEU A 299 11.50 10.49 8.68
CA LEU A 299 10.81 11.75 8.48
C LEU A 299 11.41 12.80 9.39
N THR A 300 11.80 13.94 8.82
CA THR A 300 12.39 15.02 9.60
C THR A 300 11.36 15.93 10.25
N ASP A 301 10.14 16.02 9.69
CA ASP A 301 9.14 16.96 10.14
C ASP A 301 7.77 16.39 9.82
N MET A 302 6.72 17.01 10.33
CA MET A 302 5.36 16.63 9.98
C MET A 302 5.18 16.64 8.46
N PRO A 303 4.88 15.50 7.83
CA PRO A 303 4.92 15.44 6.37
C PRO A 303 3.92 16.36 5.73
N ASP A 304 2.84 16.70 6.42
CA ASP A 304 1.89 17.61 5.82
C ASP A 304 2.54 18.96 5.58
N ILE A 305 3.58 19.29 6.36
CA ILE A 305 4.35 20.52 6.15
C ILE A 305 5.32 20.35 4.99
N LEU A 306 6.09 19.24 4.97
CA LEU A 306 7.04 19.02 3.89
C LEU A 306 6.35 19.08 2.53
N LEU A 307 5.18 18.42 2.40
CA LEU A 307 4.41 18.50 1.18
C LEU A 307 4.04 19.94 0.85
N GLU A 308 3.42 20.62 1.80
CA GLU A 308 2.94 21.99 1.59
C GLU A 308 4.06 22.92 1.14
N LEU A 309 5.29 22.66 1.55
CA LEU A 309 6.37 23.59 1.28
C LEU A 309 7.42 23.04 0.31
N GLY A 310 7.03 22.02 -0.47
CA GLY A 310 7.77 21.58 -1.64
C GLY A 310 8.99 20.73 -1.35
N GLN A 311 9.13 20.25 -0.11
CA GLN A 311 10.33 19.56 0.31
C GLN A 311 10.12 18.08 0.09
N PHE A 312 10.32 17.66 -1.15
CA PHE A 312 10.23 16.27 -1.52
C PHE A 312 11.03 16.03 -2.81
N LYS A 313 11.37 14.76 -3.05
CA LYS A 313 11.97 14.36 -4.30
C LYS A 313 11.16 14.87 -5.49
N LYS A 314 11.80 15.64 -6.36
CA LYS A 314 11.15 16.20 -7.54
C LYS A 314 11.22 15.18 -8.68
N THR A 315 10.09 14.57 -9.03
CA THR A 315 10.01 13.57 -10.07
C THR A 315 8.53 13.37 -10.43
N GLN A 316 8.28 12.46 -11.37
CA GLN A 316 6.92 12.23 -11.85
C GLN A 316 6.22 11.21 -10.96
N ILE A 317 4.96 11.47 -10.67
CA ILE A 317 4.13 10.52 -9.93
C ILE A 317 2.96 10.08 -10.81
N LEU A 318 2.51 8.85 -10.58
CA LEU A 318 1.25 8.34 -11.11
C LEU A 318 0.39 7.91 -9.92
N VAL A 319 -0.82 8.47 -9.83
CA VAL A 319 -1.64 8.34 -8.62
C VAL A 319 -3.08 8.06 -9.04
N GLY A 320 -3.75 7.14 -8.33
CA GLY A 320 -5.12 6.81 -8.66
C GLY A 320 -5.82 6.18 -7.49
N VAL A 321 -7.12 5.92 -7.68
CA VAL A 321 -7.98 5.33 -6.66
C VAL A 321 -9.09 4.52 -7.35
N ASN A 322 -9.79 3.71 -6.57
CA ASN A 322 -10.87 2.86 -7.06
C ASN A 322 -12.24 3.45 -6.71
N LYS A 323 -13.24 3.14 -7.54
CA LYS A 323 -14.59 3.71 -7.40
C LYS A 323 -15.15 3.55 -6.00
N ASP A 324 -15.09 2.33 -5.45
CA ASP A 324 -15.72 2.10 -4.14
C ASP A 324 -14.69 1.66 -3.10
N GLU A 325 -13.61 2.45 -2.95
CA GLU A 325 -12.65 2.33 -1.86
C GLU A 325 -13.28 1.98 -0.51
N GLY A 326 -14.42 2.60 -0.20
CA GLY A 326 -14.94 2.53 1.14
C GLY A 326 -15.82 1.34 1.50
N THR A 327 -16.27 0.55 0.52
CA THR A 327 -17.33 -0.42 0.81
C THR A 327 -16.81 -1.57 1.66
N ALA A 328 -15.64 -2.13 1.32
CA ALA A 328 -15.12 -3.27 2.07
C ALA A 328 -15.14 -3.01 3.58
N PHE A 329 -14.84 -1.78 3.99
CA PHE A 329 -14.73 -1.53 5.43
C PHE A 329 -16.07 -1.60 6.15
N LEU A 330 -17.20 -1.50 5.42
CA LEU A 330 -18.51 -1.42 6.09
C LEU A 330 -18.91 -2.74 6.73
N VAL A 331 -18.41 -3.88 6.24
CA VAL A 331 -18.81 -5.14 6.84
C VAL A 331 -17.87 -5.56 7.96
N TYR A 332 -16.91 -4.71 8.32
CA TYR A 332 -16.05 -4.90 9.48
C TYR A 332 -16.53 -4.09 10.68
N GLY A 333 -17.83 -3.87 10.82
CA GLY A 333 -18.30 -3.19 12.01
C GLY A 333 -19.62 -2.46 11.88
N ALA A 334 -19.92 -1.95 10.68
CA ALA A 334 -21.07 -1.09 10.52
C ALA A 334 -22.36 -1.86 10.80
N PRO A 335 -23.30 -1.28 11.55
CA PRO A 335 -24.54 -1.99 11.84
C PRO A 335 -25.44 -2.07 10.61
N GLY A 336 -25.99 -3.26 10.37
CA GLY A 336 -26.94 -3.47 9.30
C GLY A 336 -26.31 -3.93 8.01
N PHE A 337 -25.00 -4.09 8.00
CA PHE A 337 -24.22 -4.45 6.83
C PHE A 337 -23.85 -5.92 6.87
N SER A 338 -23.78 -6.52 5.69
CA SER A 338 -23.29 -7.88 5.59
C SER A 338 -22.81 -8.14 4.17
N LYS A 339 -21.72 -8.87 4.04
CA LYS A 339 -21.36 -9.36 2.72
C LYS A 339 -22.39 -10.31 2.15
N ASP A 340 -23.41 -10.70 2.91
CA ASP A 340 -24.28 -11.79 2.49
C ASP A 340 -25.75 -11.42 2.30
N ASN A 341 -26.12 -10.17 2.56
CA ASN A 341 -27.36 -9.59 2.05
C ASN A 341 -27.00 -8.26 1.39
N ASN A 342 -28.02 -7.58 0.86
CA ASN A 342 -27.90 -6.31 0.13
C ASN A 342 -27.58 -5.12 1.02
N SER A 343 -27.56 -5.31 2.35
CA SER A 343 -27.08 -4.31 3.30
C SER A 343 -27.76 -2.95 3.13
N ILE A 344 -28.99 -2.94 2.61
CA ILE A 344 -29.80 -1.74 2.73
C ILE A 344 -29.88 -1.37 4.20
N ILE A 345 -29.74 -0.07 4.48
CA ILE A 345 -29.76 0.41 5.84
C ILE A 345 -30.56 1.70 5.86
N THR A 346 -30.80 2.16 7.08
CA THR A 346 -31.66 3.29 7.41
C THR A 346 -30.84 4.48 7.90
N ARG A 347 -31.50 5.64 7.96
CA ARG A 347 -30.85 6.83 8.51
C ARG A 347 -30.31 6.56 9.91
N LYS A 348 -31.08 5.85 10.73
CA LYS A 348 -30.62 5.56 12.09
C LYS A 348 -29.45 4.58 12.07
N GLU A 349 -29.48 3.58 11.19
CA GLU A 349 -28.34 2.69 11.01
C GLU A 349 -27.14 3.45 10.46
N PHE A 350 -27.38 4.29 9.45
CA PHE A 350 -26.35 5.17 8.91
C PHE A 350 -25.68 6.00 10.01
N GLN A 351 -26.50 6.71 10.81
CA GLN A 351 -25.96 7.53 11.89
C GLN A 351 -25.14 6.70 12.86
N GLU A 352 -25.57 5.47 13.14
CA GLU A 352 -24.84 4.63 14.09
C GLU A 352 -23.48 4.23 13.53
N GLY A 353 -23.41 3.99 12.21
CA GLY A 353 -22.14 3.64 11.59
C GLY A 353 -21.15 4.78 11.58
N LEU A 354 -21.65 6.02 11.57
CA LEU A 354 -20.75 7.16 11.71
C LEU A 354 -20.01 7.11 13.05
N LYS A 355 -20.76 6.82 14.13
CA LYS A 355 -20.14 6.61 15.44
C LYS A 355 -19.11 5.50 15.41
N ILE A 356 -19.29 4.52 14.52
CA ILE A 356 -18.36 3.41 14.37
C ILE A 356 -17.08 3.88 13.67
N PHE A 357 -17.23 4.66 12.60
CA PHE A 357 -16.09 5.08 11.80
C PHE A 357 -15.45 6.40 12.24
N PHE A 358 -16.08 7.17 13.13
CA PHE A 358 -15.50 8.43 13.62
C PHE A 358 -15.71 8.54 15.12
N PRO A 359 -15.12 7.63 15.91
CA PRO A 359 -15.49 7.55 17.32
C PRO A 359 -15.07 8.75 18.13
N GLY A 360 -13.98 9.40 17.78
CA GLY A 360 -13.53 10.53 18.56
C GLY A 360 -14.06 11.87 18.10
N VAL A 361 -15.05 11.88 17.21
CA VAL A 361 -15.48 13.12 16.57
C VAL A 361 -16.77 13.60 17.22
N SER A 362 -16.85 14.93 17.42
CA SER A 362 -17.95 15.55 18.14
C SER A 362 -19.29 15.28 17.48
N GLU A 363 -20.35 15.50 18.25
CA GLU A 363 -21.68 15.29 17.71
C GLU A 363 -21.92 16.16 16.50
N PHE A 364 -21.28 17.33 16.43
CA PHE A 364 -21.53 18.22 15.31
C PHE A 364 -20.75 17.77 14.09
N GLY A 365 -19.52 17.28 14.30
CA GLY A 365 -18.79 16.65 13.21
C GLY A 365 -19.57 15.54 12.56
N LYS A 366 -20.15 14.65 13.36
CA LYS A 366 -20.96 13.59 12.78
C LYS A 366 -22.18 14.16 12.07
N GLU A 367 -22.78 15.24 12.58
CA GLU A 367 -23.92 15.80 11.88
C GLU A 367 -23.51 16.37 10.54
N SER A 368 -22.33 16.99 10.48
CA SER A 368 -21.88 17.61 9.23
C SER A 368 -21.66 16.58 8.13
N ILE A 369 -21.14 15.40 8.49
CA ILE A 369 -21.03 14.31 7.52
C ILE A 369 -22.42 13.91 7.01
N LEU A 370 -23.39 13.74 7.93
CA LEU A 370 -24.74 13.42 7.51
C LEU A 370 -25.30 14.50 6.59
N PHE A 371 -25.05 15.77 6.92
CA PHE A 371 -25.55 16.88 6.10
C PHE A 371 -25.02 16.82 4.68
N HIS A 372 -23.71 16.59 4.53
CA HIS A 372 -23.06 16.66 3.22
CA HIS A 372 -23.11 16.69 3.20
C HIS A 372 -23.28 15.43 2.37
N TYR A 373 -23.82 14.35 2.93
CA TYR A 373 -24.00 13.13 2.16
C TYR A 373 -25.44 12.64 2.12
N THR A 374 -26.41 13.45 2.56
CA THR A 374 -27.80 12.99 2.51
C THR A 374 -28.71 14.02 1.86
N ASP A 375 -28.16 14.98 1.14
CA ASP A 375 -29.03 15.77 0.27
C ASP A 375 -29.31 14.89 -0.94
N TRP A 376 -30.33 14.05 -0.78
CA TRP A 376 -30.67 13.07 -1.79
C TRP A 376 -31.22 13.79 -3.02
N VAL A 377 -30.55 13.58 -4.16
CA VAL A 377 -31.14 13.97 -5.44
C VAL A 377 -32.50 13.30 -5.62
N ASP A 378 -32.63 12.06 -5.18
CA ASP A 378 -33.87 11.29 -5.26
C ASP A 378 -34.05 10.54 -3.95
N ASP A 379 -34.97 10.99 -3.10
CA ASP A 379 -35.15 10.36 -1.80
C ASP A 379 -35.73 8.95 -1.88
N GLN A 380 -36.25 8.55 -3.05
CA GLN A 380 -36.91 7.25 -3.15
C GLN A 380 -35.93 6.08 -2.99
N ARG A 381 -34.67 6.25 -3.40
CA ARG A 381 -33.73 5.13 -3.45
C ARG A 381 -33.49 4.53 -2.06
N PRO A 382 -33.66 3.20 -1.89
CA PRO A 382 -33.50 2.60 -0.56
C PRO A 382 -32.04 2.40 -0.17
N GLU A 383 -31.18 2.24 -1.18
CA GLU A 383 -29.76 2.09 -0.92
C GLU A 383 -29.07 3.42 -0.67
N ASN A 384 -29.85 4.48 -0.49
CA ASN A 384 -29.29 5.81 -0.29
C ASN A 384 -28.29 5.79 0.86
N TYR A 385 -28.73 5.36 2.04
CA TYR A 385 -27.86 5.37 3.21
C TYR A 385 -26.76 4.31 3.12
N ARG A 386 -27.00 3.20 2.43
CA ARG A 386 -25.93 2.22 2.26
C ARG A 386 -24.82 2.77 1.37
N GLU A 387 -25.19 3.33 0.22
CA GLU A 387 -24.17 3.89 -0.64
C GLU A 387 -23.49 5.11 -0.02
N ALA A 388 -24.23 5.91 0.75
CA ALA A 388 -23.64 7.08 1.38
C ALA A 388 -22.49 6.71 2.29
N LEU A 389 -22.66 5.68 3.12
CA LEU A 389 -21.63 5.36 4.10
C LEU A 389 -20.35 4.87 3.42
N GLY A 390 -20.47 4.01 2.39
CA GLY A 390 -19.29 3.64 1.61
C GLY A 390 -18.55 4.84 1.07
N ASP A 391 -19.28 5.81 0.51
CA ASP A 391 -18.66 7.02 -0.03
C ASP A 391 -18.02 7.87 1.05
N VAL A 392 -18.71 8.03 2.20
CA VAL A 392 -18.09 8.68 3.35
C VAL A 392 -16.70 8.10 3.62
N VAL A 393 -16.63 6.78 3.82
CA VAL A 393 -15.37 6.15 4.21
C VAL A 393 -14.35 6.24 3.08
N GLY A 394 -14.79 6.07 1.84
CA GLY A 394 -13.87 6.09 0.72
C GLY A 394 -13.34 7.47 0.39
N ASP A 395 -14.23 8.49 0.44
CA ASP A 395 -13.80 9.85 0.17
C ASP A 395 -12.93 10.39 1.30
N TYR A 396 -13.28 10.08 2.55
CA TYR A 396 -12.44 10.54 3.67
C TYR A 396 -11.14 9.76 3.78
N ASN A 397 -11.16 8.45 3.59
CA ASN A 397 -9.92 7.73 3.86
C ASN A 397 -9.03 7.56 2.64
N PHE A 398 -9.56 7.64 1.41
CA PHE A 398 -8.72 7.31 0.27
C PHE A 398 -8.79 8.32 -0.88
N ILE A 399 -9.97 8.55 -1.45
CA ILE A 399 -10.02 9.41 -2.64
C ILE A 399 -9.52 10.81 -2.34
N CYS A 400 -10.17 11.53 -1.41
CA CYS A 400 -9.76 12.92 -1.19
C CYS A 400 -8.28 13.09 -0.83
N PRO A 401 -7.70 12.31 0.08
CA PRO A 401 -6.26 12.49 0.35
C PRO A 401 -5.38 12.19 -0.85
N ALA A 402 -5.77 11.27 -1.73
CA ALA A 402 -4.98 11.06 -2.94
C ALA A 402 -5.04 12.30 -3.82
N LEU A 403 -6.24 12.81 -4.09
CA LEU A 403 -6.36 14.02 -4.89
C LEU A 403 -5.60 15.18 -4.27
N GLU A 404 -5.72 15.37 -2.96
CA GLU A 404 -5.02 16.49 -2.35
CA GLU A 404 -5.02 16.47 -2.30
C GLU A 404 -3.51 16.34 -2.48
N PHE A 405 -3.00 15.13 -2.35
CA PHE A 405 -1.57 14.89 -2.53
C PHE A 405 -1.13 15.21 -3.96
N THR A 406 -1.84 14.66 -4.96
CA THR A 406 -1.49 14.94 -6.35
C THR A 406 -1.58 16.44 -6.65
N LYS A 407 -2.63 17.12 -6.19
CA LYS A 407 -2.69 18.57 -6.35
C LYS A 407 -1.44 19.20 -5.79
N LYS A 408 -1.20 18.95 -4.51
CA LYS A 408 -0.08 19.60 -3.83
C LYS A 408 1.24 19.26 -4.50
N PHE A 409 1.43 17.99 -4.86
CA PHE A 409 2.73 17.59 -5.40
C PHE A 409 2.95 18.15 -6.80
N SER A 410 1.90 18.23 -7.61
CA SER A 410 2.07 18.78 -8.94
C SER A 410 2.41 20.26 -8.88
N GLU A 411 1.99 20.95 -7.81
CA GLU A 411 2.16 22.41 -7.73
C GLU A 411 3.61 22.82 -7.85
N TRP A 412 4.54 21.94 -7.49
CA TRP A 412 5.94 22.26 -7.61
C TRP A 412 6.52 21.88 -8.96
N GLY A 413 5.68 21.64 -9.95
CA GLY A 413 6.11 21.61 -11.33
C GLY A 413 6.35 20.25 -11.95
N ASN A 414 6.14 19.17 -11.22
CA ASN A 414 6.37 17.85 -11.76
C ASN A 414 5.13 17.31 -12.44
N ASN A 415 5.33 16.51 -13.48
CA ASN A 415 4.24 15.78 -14.11
C ASN A 415 3.61 14.82 -13.11
N ALA A 416 2.28 14.78 -13.11
CA ALA A 416 1.51 13.85 -12.30
C ALA A 416 0.36 13.37 -13.16
N PHE A 417 0.03 12.07 -13.05
CA PHE A 417 -1.07 11.47 -13.78
C PHE A 417 -2.02 10.80 -12.81
N PHE A 418 -3.31 11.10 -12.92
CA PHE A 418 -4.27 10.54 -11.99
C PHE A 418 -5.25 9.62 -12.73
N TYR A 419 -5.52 8.45 -12.12
CA TYR A 419 -6.51 7.53 -12.66
C TYR A 419 -7.64 7.28 -11.68
N TYR A 420 -8.72 6.73 -12.23
CA TYR A 420 -9.92 6.39 -11.48
C TYR A 420 -10.36 5.02 -11.96
N PHE A 421 -9.95 3.97 -11.25
CA PHE A 421 -10.25 2.58 -11.59
C PHE A 421 -11.71 2.24 -11.26
N GLU A 422 -12.52 1.95 -12.26
CA GLU A 422 -13.95 1.75 -12.00
C GLU A 422 -14.47 0.42 -12.54
N HIS A 423 -13.60 -0.58 -12.69
CA HIS A 423 -14.01 -1.87 -13.21
C HIS A 423 -14.19 -2.87 -12.07
N ARG A 424 -15.36 -3.52 -12.01
CA ARG A 424 -15.59 -4.56 -11.02
C ARG A 424 -15.24 -5.91 -11.61
N SER A 425 -14.30 -6.61 -10.97
CA SER A 425 -13.80 -7.89 -11.47
C SER A 425 -14.95 -8.85 -11.76
N SER A 426 -14.93 -9.43 -12.96
CA SER A 426 -15.92 -10.44 -13.33
C SER A 426 -15.85 -11.66 -12.42
N LYS A 427 -14.71 -11.88 -11.79
CA LYS A 427 -14.53 -12.97 -10.85
C LYS A 427 -14.86 -12.57 -9.41
N LEU A 428 -14.90 -11.28 -9.09
CA LEU A 428 -14.95 -10.80 -7.71
C LEU A 428 -15.91 -11.58 -6.80
N PRO A 429 -15.42 -12.15 -5.70
CA PRO A 429 -16.25 -12.97 -4.82
C PRO A 429 -17.06 -12.20 -3.78
N TRP A 430 -16.91 -10.89 -3.68
CA TRP A 430 -17.73 -10.14 -2.75
C TRP A 430 -19.06 -9.80 -3.42
N PRO A 431 -20.06 -9.37 -2.65
CA PRO A 431 -21.36 -9.03 -3.25
C PRO A 431 -21.28 -7.81 -4.15
N GLU A 432 -22.35 -7.61 -4.91
CA GLU A 432 -22.39 -6.53 -5.88
C GLU A 432 -22.57 -5.16 -5.22
N TRP A 433 -23.23 -5.09 -4.05
CA TRP A 433 -23.39 -3.78 -3.41
C TRP A 433 -22.04 -3.18 -3.01
N MET A 434 -20.95 -3.92 -3.16
CA MET A 434 -19.64 -3.39 -2.80
C MET A 434 -18.88 -2.79 -3.97
N GLY A 435 -19.22 -3.16 -5.21
CA GLY A 435 -18.67 -2.43 -6.35
C GLY A 435 -17.19 -2.68 -6.59
N VAL A 436 -16.47 -1.59 -6.89
CA VAL A 436 -15.08 -1.62 -7.34
C VAL A 436 -14.21 -1.45 -6.09
N MET A 437 -13.80 -2.56 -5.52
CA MET A 437 -13.40 -2.52 -4.12
C MET A 437 -11.95 -2.11 -3.96
N HIS A 438 -11.68 -1.55 -2.78
CA HIS A 438 -10.31 -1.30 -2.35
C HIS A 438 -9.45 -2.55 -2.54
N GLY A 439 -8.35 -2.42 -3.28
CA GLY A 439 -7.41 -3.51 -3.47
C GLY A 439 -7.62 -4.36 -4.69
N TYR A 440 -8.59 -4.05 -5.55
CA TYR A 440 -8.96 -4.97 -6.62
C TYR A 440 -8.66 -4.43 -8.02
N GLU A 441 -7.76 -3.47 -8.09
CA GLU A 441 -7.03 -3.10 -9.28
C GLU A 441 -5.68 -3.82 -9.35
N ILE A 442 -5.24 -4.39 -8.23
CA ILE A 442 -3.87 -4.88 -8.15
C ILE A 442 -3.64 -6.05 -9.10
N GLU A 443 -4.58 -7.00 -9.16
CA GLU A 443 -4.49 -8.10 -10.12
C GLU A 443 -4.48 -7.58 -11.56
N PHE A 444 -5.18 -6.48 -11.84
CA PHE A 444 -5.09 -5.99 -13.20
C PHE A 444 -3.74 -5.36 -13.45
N VAL A 445 -3.17 -4.72 -12.43
CA VAL A 445 -1.89 -4.05 -12.59
C VAL A 445 -0.80 -5.08 -12.79
N PHE A 446 -0.98 -6.26 -12.21
CA PHE A 446 0.00 -7.33 -12.28
C PHE A 446 -0.27 -8.30 -13.42
N GLY A 447 -1.24 -8.00 -14.28
CA GLY A 447 -1.40 -8.77 -15.50
C GLY A 447 -1.89 -10.18 -15.28
N LEU A 448 -2.53 -10.43 -14.14
CA LEU A 448 -3.16 -11.73 -13.94
C LEU A 448 -4.26 -12.03 -14.95
N PRO A 449 -5.13 -11.08 -15.33
CA PRO A 449 -6.07 -11.38 -16.41
C PRO A 449 -5.42 -11.70 -17.72
N LEU A 450 -4.12 -11.49 -17.86
CA LEU A 450 -3.48 -11.89 -19.11
C LEU A 450 -3.47 -13.40 -19.23
N GLU A 451 -3.50 -14.11 -18.11
CA GLU A 451 -3.67 -15.56 -18.12
C GLU A 451 -5.09 -15.90 -18.58
N ARG A 452 -5.21 -16.40 -19.81
CA ARG A 452 -6.53 -16.71 -20.36
C ARG A 452 -7.18 -17.91 -19.69
N ARG A 453 -6.39 -18.80 -19.07
CA ARG A 453 -6.93 -19.94 -18.31
C ARG A 453 -7.30 -19.57 -16.88
N ASP A 454 -7.87 -18.37 -16.64
CA ASP A 454 -8.14 -17.91 -15.29
C ASP A 454 -9.58 -17.44 -15.07
N GLN A 455 -10.45 -17.56 -16.07
CA GLN A 455 -11.87 -17.23 -16.03
C GLN A 455 -12.12 -15.71 -16.12
N TYR A 456 -11.12 -14.88 -16.33
CA TYR A 456 -11.38 -13.49 -16.66
C TYR A 456 -11.94 -13.36 -18.08
N THR A 457 -12.79 -12.37 -18.31
CA THR A 457 -13.31 -12.13 -19.64
C THR A 457 -12.21 -11.64 -20.57
N LYS A 458 -12.50 -11.62 -21.87
CA LYS A 458 -11.53 -11.11 -22.82
C LYS A 458 -11.37 -9.60 -22.68
N ALA A 459 -12.48 -8.90 -22.44
CA ALA A 459 -12.39 -7.47 -22.20
C ALA A 459 -11.47 -7.16 -21.03
N GLU A 460 -11.48 -8.01 -19.99
CA GLU A 460 -10.58 -7.80 -18.87
C GLU A 460 -9.13 -8.06 -19.27
N GLU A 461 -8.91 -9.05 -20.13
CA GLU A 461 -7.59 -9.31 -20.67
C GLU A 461 -6.99 -8.05 -21.30
N ILE A 462 -7.78 -7.37 -22.13
CA ILE A 462 -7.28 -6.14 -22.76
C ILE A 462 -7.00 -5.07 -21.71
N LEU A 463 -7.95 -4.87 -20.80
CA LEU A 463 -7.82 -3.80 -19.82
C LEU A 463 -6.55 -4.01 -18.99
N SER A 464 -6.31 -5.25 -18.54
CA SER A 464 -5.04 -5.52 -17.89
C SER A 464 -3.88 -5.26 -18.84
N ARG A 465 -3.99 -5.75 -20.07
CA ARG A 465 -2.91 -5.57 -21.04
C ARG A 465 -2.58 -4.09 -21.20
N SER A 466 -3.60 -3.24 -21.28
N SER A 466 -3.60 -3.24 -21.28
CA SER A 466 -3.35 -1.81 -21.41
CA SER A 466 -3.35 -1.81 -21.41
C SER A 466 -2.77 -1.23 -20.14
C SER A 466 -2.78 -1.22 -20.14
N ILE A 467 -3.29 -1.65 -18.97
CA ILE A 467 -2.76 -1.11 -17.71
C ILE A 467 -1.30 -1.48 -17.57
N VAL A 468 -0.94 -2.71 -17.92
CA VAL A 468 0.44 -3.15 -17.80
C VAL A 468 1.33 -2.38 -18.77
N LYS A 469 0.84 -2.10 -19.97
CA LYS A 469 1.59 -1.23 -20.86
C LYS A 469 1.76 0.16 -20.25
N ARG A 470 0.66 0.78 -19.81
CA ARG A 470 0.74 2.14 -19.28
C ARG A 470 1.65 2.23 -18.07
N TRP A 471 1.56 1.27 -17.15
CA TRP A 471 2.43 1.29 -15.98
C TRP A 471 3.89 1.16 -16.38
N ALA A 472 4.18 0.28 -17.35
CA ALA A 472 5.57 0.06 -17.74
C ALA A 472 6.13 1.26 -18.45
N ASN A 473 5.31 1.89 -19.32
CA ASN A 473 5.80 3.07 -20.00
C ASN A 473 6.07 4.18 -18.99
N PHE A 474 5.16 4.36 -18.04
CA PHE A 474 5.46 5.29 -16.96
C PHE A 474 6.78 4.95 -16.29
N ALA A 475 7.01 3.67 -15.99
CA ALA A 475 8.23 3.31 -15.29
C ALA A 475 9.46 3.58 -16.14
N LYS A 476 9.42 3.20 -17.42
CA LYS A 476 10.61 3.37 -18.27
C LYS A 476 10.81 4.84 -18.64
N TYR A 477 9.74 5.51 -19.08
CA TYR A 477 9.85 6.81 -19.73
C TYR A 477 9.05 7.92 -19.06
N GLY A 478 8.66 7.75 -17.79
CA GLY A 478 7.90 8.77 -17.09
C GLY A 478 6.67 9.32 -17.78
N ASN A 479 6.05 8.52 -18.65
CA ASN A 479 4.85 8.95 -19.36
C ASN A 479 3.97 7.74 -19.64
N PRO A 480 2.76 7.63 -19.04
CA PRO A 480 2.01 6.37 -19.01
C PRO A 480 1.05 6.19 -20.20
N GLN A 481 1.56 6.36 -21.41
CA GLN A 481 0.77 6.25 -22.62
C GLN A 481 0.82 4.84 -23.18
N GLU A 482 -0.23 4.49 -23.94
CA GLU A 482 -0.28 3.27 -24.73
C GLU A 482 -0.32 3.78 -26.17
N THR A 483 0.86 3.84 -26.78
CA THR A 483 1.02 4.61 -28.01
C THR A 483 0.53 3.87 -29.25
N GLN A 484 0.39 2.56 -29.19
CA GLN A 484 0.24 1.78 -30.41
C GLN A 484 -1.22 1.54 -30.77
N ASN A 485 -2.03 1.09 -29.82
CA ASN A 485 -3.37 0.62 -30.16
C ASN A 485 -4.41 1.73 -30.18
N GLN A 486 -4.02 2.94 -30.61
CA GLN A 486 -4.95 4.09 -30.65
C GLN A 486 -5.71 4.23 -29.34
N SER A 487 -4.96 4.24 -28.23
CA SER A 487 -5.53 4.40 -26.91
C SER A 487 -5.90 5.85 -26.64
N THR A 488 -6.79 6.04 -25.66
CA THR A 488 -7.04 7.38 -25.12
C THR A 488 -5.77 7.88 -24.44
N SER A 489 -5.31 9.06 -24.83
CA SER A 489 -4.10 9.61 -24.25
C SER A 489 -4.38 10.08 -22.82
N TRP A 490 -3.38 9.94 -21.96
CA TRP A 490 -3.55 10.21 -20.54
C TRP A 490 -2.97 11.58 -20.20
N PRO A 491 -3.79 12.60 -19.92
CA PRO A 491 -3.25 13.94 -19.66
C PRO A 491 -2.52 14.04 -18.34
N VAL A 492 -1.60 15.00 -18.28
CA VAL A 492 -0.99 15.32 -16.99
C VAL A 492 -2.02 15.99 -16.10
N PHE A 493 -1.88 15.78 -14.79
CA PHE A 493 -2.75 16.38 -13.78
C PHE A 493 -2.21 17.75 -13.40
N LYS A 494 -3.04 18.78 -13.53
CA LYS A 494 -2.66 20.15 -13.20
C LYS A 494 -3.64 20.66 -12.16
N SER A 495 -3.12 21.30 -11.11
CA SER A 495 -3.99 21.71 -10.01
C SER A 495 -5.12 22.62 -10.49
N THR A 496 -4.92 23.30 -11.62
CA THR A 496 -5.97 24.09 -12.24
C THR A 496 -7.11 23.23 -12.77
N GLU A 497 -6.80 22.44 -13.79
CA GLU A 497 -7.83 21.75 -14.55
C GLU A 497 -8.14 20.37 -14.02
N GLN A 498 -7.19 19.77 -13.31
CA GLN A 498 -7.38 18.49 -12.62
C GLN A 498 -8.05 17.47 -13.53
N LYS A 499 -7.33 17.05 -14.57
CA LYS A 499 -7.84 15.99 -15.45
C LYS A 499 -7.36 14.62 -14.97
N TYR A 500 -8.25 13.61 -15.07
CA TYR A 500 -7.92 12.24 -14.73
C TYR A 500 -8.41 11.29 -15.81
N LEU A 501 -7.84 10.08 -15.82
CA LEU A 501 -8.22 9.01 -16.73
C LEU A 501 -9.04 7.96 -16.00
N THR A 502 -10.20 7.62 -16.56
CA THR A 502 -10.97 6.49 -16.07
C THR A 502 -10.48 5.20 -16.72
N LEU A 503 -10.23 4.17 -15.91
CA LEU A 503 -9.93 2.84 -16.41
C LEU A 503 -11.17 1.97 -16.30
N ASN A 504 -11.52 1.30 -17.38
CA ASN A 504 -12.70 0.45 -17.39
C ASN A 504 -12.63 -0.42 -18.64
N THR A 505 -13.58 -1.35 -18.76
CA THR A 505 -13.54 -2.22 -19.92
C THR A 505 -14.20 -1.60 -21.14
N GLU A 506 -15.19 -0.75 -20.95
CA GLU A 506 -15.74 -0.03 -22.09
C GLU A 506 -14.81 1.11 -22.49
N SER A 507 -15.33 2.34 -22.50
CA SER A 507 -14.58 3.50 -22.95
C SER A 507 -13.70 4.02 -21.84
N THR A 508 -12.41 4.13 -22.12
CA THR A 508 -11.51 4.88 -21.26
C THR A 508 -11.65 6.37 -21.58
N ARG A 509 -12.26 7.14 -20.68
CA ARG A 509 -12.52 8.55 -20.92
C ARG A 509 -11.60 9.45 -20.09
N ILE A 510 -11.56 10.72 -20.51
CA ILE A 510 -10.88 11.78 -19.78
C ILE A 510 -11.91 12.67 -19.12
N MET A 511 -11.86 12.76 -17.77
CA MET A 511 -12.80 13.56 -16.98
CA MET A 511 -12.80 13.54 -16.95
C MET A 511 -12.02 14.55 -16.11
N THR A 512 -12.78 15.38 -15.37
CA THR A 512 -12.23 16.48 -14.58
C THR A 512 -12.77 16.60 -13.16
N LYS A 513 -11.88 16.97 -12.24
CA LYS A 513 -12.21 17.38 -10.89
C LYS A 513 -13.04 16.33 -10.18
N LEU A 514 -12.43 15.16 -9.99
CA LEU A 514 -13.05 14.03 -9.32
C LEU A 514 -13.49 14.40 -7.90
N ARG A 515 -14.74 14.03 -7.57
CA ARG A 515 -15.29 14.19 -6.21
C ARG A 515 -15.05 15.60 -5.67
N ALA A 516 -15.24 16.60 -6.53
CA ALA A 516 -14.95 17.99 -6.17
C ALA A 516 -15.78 18.46 -4.99
N GLN A 517 -17.10 18.22 -5.02
CA GLN A 517 -17.96 18.60 -3.89
C GLN A 517 -17.56 17.86 -2.63
N GLN A 518 -17.44 16.52 -2.73
CA GLN A 518 -17.14 15.73 -1.54
C GLN A 518 -15.76 16.08 -0.99
N CYS A 519 -14.79 16.34 -1.86
CA CYS A 519 -13.45 16.56 -1.34
C CYS A 519 -13.24 17.95 -0.79
N ARG A 520 -14.02 18.97 -1.22
CA ARG A 520 -13.88 20.27 -0.57
C ARG A 520 -14.31 20.17 0.87
N PHE A 521 -15.41 19.46 1.11
CA PHE A 521 -15.82 19.16 2.48
C PHE A 521 -14.68 18.50 3.25
N TRP A 522 -14.23 17.32 2.81
CA TRP A 522 -13.30 16.56 3.63
C TRP A 522 -11.99 17.27 3.83
N THR A 523 -11.59 18.10 2.88
CA THR A 523 -10.26 18.68 2.88
C THR A 523 -10.21 20.07 3.49
N SER A 524 -11.31 20.83 3.44
CA SER A 524 -11.34 22.19 3.97
C SER A 524 -12.19 22.35 5.20
N PHE A 525 -13.45 21.89 5.18
CA PHE A 525 -14.31 22.05 6.36
C PHE A 525 -13.92 21.08 7.47
N PHE A 526 -14.16 19.77 7.24
CA PHE A 526 -14.07 18.72 8.26
C PHE A 526 -12.77 18.71 9.06
N PRO A 527 -11.61 19.00 8.46
CA PRO A 527 -10.39 19.07 9.28
C PRO A 527 -10.50 20.01 10.47
N LYS A 528 -11.39 21.01 10.40
CA LYS A 528 -11.49 22.01 11.44
C LYS A 528 -12.36 21.58 12.62
N VAL A 529 -13.23 20.58 12.44
CA VAL A 529 -14.12 20.11 13.51
C VAL A 529 -13.44 19.18 14.53
C1 NAG B . 20.64 -25.84 -3.65
C2 NAG B . 20.85 -26.93 -2.58
C3 NAG B . 21.87 -27.98 -3.07
C4 NAG B . 21.41 -28.57 -4.39
C5 NAG B . 21.30 -27.40 -5.36
C6 NAG B . 20.97 -27.85 -6.76
C7 NAG B . 20.47 -26.19 -0.26
C8 NAG B . 19.05 -26.68 -0.40
N2 NAG B . 21.26 -26.34 -1.34
O3 NAG B . 22.01 -28.95 -2.07
O4 NAG B . 22.34 -29.54 -4.83
O5 NAG B . 20.32 -26.48 -4.87
O6 NAG B . 19.57 -27.92 -6.87
O7 NAG B . 20.85 -25.68 0.78
C1 FUC B . 19.18 -29.17 -7.46
C2 FUC B . 17.64 -29.17 -7.47
C3 FUC B . 17.14 -28.04 -8.39
C4 FUC B . 17.68 -28.27 -9.81
C5 FUC B . 19.21 -28.34 -9.75
C6 FUC B . 19.82 -28.71 -11.09
O2 FUC B . 17.20 -29.07 -6.14
O3 FUC B . 15.73 -27.99 -8.33
O4 FUC B . 17.08 -29.43 -10.34
O5 FUC B . 19.67 -29.30 -8.79
C1 NAG C . 22.76 1.33 -18.49
C2 NAG C . 24.28 1.28 -18.74
C3 NAG C . 24.90 2.41 -17.92
C4 NAG C . 24.36 3.76 -18.41
C5 NAG C . 22.82 3.73 -18.22
C6 NAG C . 22.06 4.98 -18.61
C7 NAG C . 24.91 -1.03 -19.22
C8 NAG C . 25.67 -2.22 -18.69
N2 NAG C . 24.93 0.04 -18.42
O3 NAG C . 26.28 2.23 -18.03
O4 NAG C . 24.99 4.80 -17.67
O5 NAG C . 22.30 2.60 -18.90
O6 NAG C . 20.75 4.81 -19.18
O7 NAG C . 24.33 -1.05 -20.29
C1 FUC C . 19.59 4.83 -18.26
C2 FUC C . 19.25 6.24 -17.64
C3 FUC C . 18.26 7.13 -18.42
C4 FUC C . 17.01 6.38 -18.88
C5 FUC C . 17.46 5.13 -19.65
C6 FUC C . 16.26 4.26 -20.06
O2 FUC C . 20.41 6.96 -17.29
O3 FUC C . 17.90 8.18 -17.54
O4 FUC C . 16.19 6.15 -17.76
O5 FUC C . 18.42 4.32 -18.93
C1 NAG D . -28.34 -8.15 6.77
C2 NAG D . -29.65 -7.73 7.45
C3 NAG D . -29.39 -7.16 8.83
C4 NAG D . -28.41 -8.00 9.64
C5 NAG D . -27.17 -8.33 8.80
C6 NAG D . -26.15 -9.20 9.49
C7 NAG D . -30.97 -6.92 5.50
C8 NAG D . -31.59 -5.69 4.89
N2 NAG D . -30.34 -6.73 6.68
O3 NAG D . -30.63 -7.09 9.47
O4 NAG D . -28.01 -7.21 10.73
O5 NAG D . -27.63 -8.98 7.64
O6 NAG D . -26.79 -10.18 10.27
O7 NAG D . -31.05 -8.00 4.94
C1 NAG D . -28.68 -7.67 11.92
C2 NAG D . -27.90 -7.21 13.15
C3 NAG D . -28.67 -7.55 14.43
C4 NAG D . -30.14 -7.14 14.37
C5 NAG D . -30.76 -7.55 13.02
C6 NAG D . -32.13 -6.96 12.72
C7 NAG D . -25.53 -7.27 12.51
C8 NAG D . -24.23 -8.03 12.69
N2 NAG D . -26.58 -7.78 13.19
O3 NAG D . -28.03 -6.93 15.51
O4 NAG D . -30.74 -7.74 15.49
O5 NAG D . -29.96 -7.11 11.94
O6 NAG D . -31.96 -5.95 11.74
O7 NAG D . -25.60 -6.29 11.79
C1 FUC D . -26.32 -11.53 9.92
C2 FUC D . -27.19 -12.58 10.68
C3 FUC D . -28.57 -12.67 10.05
C4 FUC D . -28.37 -13.25 8.65
C5 FUC D . -27.62 -12.16 7.86
C6 FUC D . -27.34 -12.51 6.41
O2 FUC D . -27.16 -12.29 12.06
O3 FUC D . -29.44 -13.42 10.87
O4 FUC D . -27.62 -14.45 8.76
O5 FUC D . -26.38 -11.82 8.51
C1 NAG E . -3.49 6.97 26.85
C2 NAG E . -4.79 7.50 26.26
C3 NAG E . -5.84 7.68 27.34
C4 NAG E . -6.06 6.34 28.02
C5 NAG E . -4.73 5.74 28.51
C6 NAG E . -4.87 4.31 28.98
C7 NAG E . -4.88 8.81 24.18
C8 NAG E . -4.57 10.14 23.54
N2 NAG E . -4.57 8.70 25.49
O3 NAG E . -7.02 8.16 26.74
O4 NAG E . -6.93 6.61 29.09
O5 NAG E . -3.74 5.74 27.50
O6 NAG E . -5.75 3.58 28.14
O7 NAG E . -5.39 7.91 23.52
C1 NAG E . -8.11 5.78 28.98
C2 NAG E . -8.67 5.52 30.40
C3 NAG E . -9.91 4.64 30.29
C4 NAG E . -10.93 5.28 29.35
C5 NAG E . -10.24 5.57 27.98
C6 NAG E . -11.13 6.21 26.95
C7 NAG E . -6.65 5.59 31.86
C8 NAG E . -5.72 4.75 32.70
N2 NAG E . -7.65 4.93 31.25
O3 NAG E . -10.47 4.41 31.55
O4 NAG E . -12.02 4.38 29.25
O5 NAG E . -9.10 6.40 28.18
O6 NAG E . -12.30 5.43 26.79
O7 NAG E . -6.47 6.79 31.75
C1 FUC E . -6.24 2.42 28.86
C2 FUC E . -7.48 1.80 28.17
C3 FUC E . -7.11 1.33 26.77
C4 FUC E . -6.01 0.27 26.86
C5 FUC E . -4.83 0.80 27.69
C6 FUC E . -3.83 -0.28 28.07
O2 FUC E . -8.56 2.70 28.22
O3 FUC E . -8.30 0.86 26.14
O4 FUC E . -6.56 -0.94 27.35
O5 FUC E . -5.25 1.40 28.92
C1 NAG F . 18.25 3.05 31.40
C2 NAG F . 19.33 4.08 31.78
C3 NAG F . 20.46 3.94 30.75
C4 NAG F . 21.03 2.53 30.89
C5 NAG F . 19.93 1.55 30.50
C6 NAG F . 20.37 0.10 30.54
C7 NAG F . 18.42 6.04 33.00
C8 NAG F . 17.95 7.47 32.86
N2 NAG F . 18.83 5.43 31.86
O3 NAG F . 21.44 4.92 30.96
O4 NAG F . 22.16 2.41 30.05
O5 NAG F . 18.81 1.75 31.36
O6 NAG F . 21.17 -0.13 31.69
O7 NAG F . 18.42 5.48 34.09
C1 NAG G . -2.89 -4.19 -29.16
C2 NAG G . -2.54 -4.92 -27.86
C3 NAG G . -2.10 -6.36 -28.23
C4 NAG G . -3.23 -7.08 -28.97
C5 NAG G . -3.51 -6.28 -30.25
C6 NAG G . -4.57 -6.87 -31.16
C7 NAG G . -1.86 -3.48 -25.91
C8 NAG G . -3.33 -3.25 -25.59
N2 NAG G . -1.58 -4.25 -27.01
O3 NAG G . -1.65 -7.04 -27.08
O4 NAG G . -2.89 -8.43 -29.26
O5 NAG G . -3.86 -4.95 -29.87
O6 NAG G . -4.76 -6.10 -32.32
O7 NAG G . -1.01 -2.96 -25.19
O1 MES H . -17.75 14.39 -8.76
C2 MES H . -18.76 13.70 -8.08
C3 MES H . -18.42 12.23 -7.83
N4 MES H . -18.09 11.55 -9.12
C5 MES H . -16.94 12.29 -9.72
C6 MES H . -17.33 13.75 -9.94
C7 MES H . -17.89 10.06 -8.99
C8 MES H . -19.16 9.30 -8.59
S MES H . -19.01 7.50 -8.79
O1S MES H . -17.83 7.30 -9.63
O2S MES H . -20.28 7.09 -9.44
O3S MES H . -18.84 6.96 -7.42
C1 A1A2L I . -4.70 -4.55 2.09
C10 A1A2L I . -10.47 -3.50 4.12
C11 A1A2L I . -10.69 -4.66 3.15
C12 A1A2L I . -11.09 -5.96 3.53
C13 A1A2L I . -11.26 -7.01 2.62
C14 A1A2L I . -11.02 -6.76 1.28
C16 A1A2L I . -10.62 -5.52 0.82
C17 A1A2L I . -10.46 -4.54 1.79
C19 A1A2L I . -10.71 -3.72 6.57
C20 A1A2L I . -10.36 -4.16 7.86
C21 A1A2L I . -10.95 -4.03 9.18
C24 A1A2L I . -8.11 -5.99 10.25
C25 A1A2L I . -6.74 -6.26 9.71
C26 A1A2L I . -6.46 -7.71 10.00
C27 A1A2L I . -6.40 -8.00 11.48
C28 A1A2L I . -5.30 -7.22 12.18
C29 A1A2L I . -5.28 -5.71 11.84
C3 A1A2L I . -6.13 -3.96 0.23
C30 A1A2L I . -5.71 -5.34 10.41
C31 A1A2L I . -9.18 -4.93 8.04
C32 A1A2L I . -8.41 -5.20 6.87
C4 A1A2L I . -6.71 -5.87 1.57
C5 A1A2L I . -6.44 -6.58 2.91
C7 A1A2L I . -7.84 -5.10 4.45
C8 A1A2L I . -8.76 -4.77 5.60
C9 A1A2L I . -9.94 -3.98 5.45
F15 A1A2L I . -11.18 -7.75 0.35
F18 A1A2L I . -10.08 -3.32 1.32
N2 A1A2L I . -5.58 -5.10 1.02
N22 A1A2L I . -10.18 -4.66 10.08
N23 A1A2L I . -9.10 -5.22 9.44
N6 A1A2L I . -7.39 -6.35 4.02
O33 A1A2L I . -7.36 -4.15 3.84
C1 GOL J . 6.03 -16.82 -8.48
O1 GOL J . 6.01 -16.31 -9.79
C2 GOL J . 5.05 -17.97 -8.41
O2 GOL J . 4.78 -18.37 -9.75
C3 GOL J . 5.61 -19.12 -7.58
O3 GOL J . 6.62 -19.76 -8.36
C1 GOL K . -2.03 -18.70 -2.12
O1 GOL K . -0.80 -19.06 -2.70
C2 GOL K . -2.70 -17.50 -2.79
O2 GOL K . -2.36 -16.31 -2.07
C3 GOL K . -4.22 -17.74 -2.97
O3 GOL K . -4.65 -17.46 -4.30
C1 GOL L . -3.90 17.17 -22.26
O1 GOL L . -4.05 18.31 -21.43
C2 GOL L . -2.44 16.91 -22.54
O2 GOL L . -1.94 18.05 -23.24
C3 GOL L . -1.63 16.55 -21.28
O3 GOL L . -0.78 17.61 -20.86
S SO4 M . -8.89 2.90 -24.89
O1 SO4 M . -8.11 2.07 -25.86
O2 SO4 M . -7.94 3.47 -23.87
O3 SO4 M . -9.61 4.00 -25.63
O4 SO4 M . -9.90 2.04 -24.17
S SO4 N . 8.46 16.59 -15.17
O1 SO4 N . 8.38 15.78 -16.44
O2 SO4 N . 9.84 16.48 -14.59
O3 SO4 N . 8.07 18.02 -15.48
O4 SO4 N . 7.51 16.02 -14.16
S SO4 O . -5.27 5.49 13.33
O1 SO4 O . -5.64 4.28 14.15
O2 SO4 O . -5.65 6.73 14.09
O3 SO4 O . -3.79 5.59 13.03
O4 SO4 O . -6.03 5.39 12.03
S SO4 P . -32.33 13.11 13.51
O1 SO4 P . -32.19 12.22 12.31
O2 SO4 P . -31.19 12.92 14.47
O3 SO4 P . -32.39 14.55 13.09
O4 SO4 P . -33.60 12.77 14.23
S SO4 Q . -34.71 10.29 4.83
O1 SO4 Q . -34.37 9.25 3.82
O2 SO4 Q . -34.43 9.78 6.21
O3 SO4 Q . -33.93 11.54 4.59
O4 SO4 Q . -36.17 10.58 4.73
#